data_9GVI
#
_entry.id   9GVI
#
loop_
_entity.id
_entity.type
_entity.pdbx_description
1 polymer 'DNA (27-MER) complex with ligand (PhenDC3)'
2 non-polymer N2,N9-bis(1-methylquinolin-3-yl)-1,10-phenanthroline-2,9-dicarboxamide
#
_entity_poly.entity_id   1
_entity_poly.type   'polydeoxyribonucleotide'
_entity_poly.pdbx_seq_one_letter_code
;(DG)(DC)(DG)(DG)(DG)(DA)(DG)(DG)(DG)(DC)(DG)(DC)(DG)(DC)(DC)(DA)(DG)(DC)(DG)(DG)
(DG)(DG)(DT)(DC)(DG)(DG)(DG)
;
_entity_poly.pdbx_strand_id   A
#
loop_
_chem_comp.id
_chem_comp.type
_chem_comp.name
_chem_comp.formula
DA DNA linking 2'-DEOXYADENOSINE-5'-MONOPHOSPHATE 'C10 H14 N5 O6 P'
DC DNA linking 2'-DEOXYCYTIDINE-5'-MONOPHOSPHATE 'C9 H14 N3 O7 P'
DG DNA linking 2'-DEOXYGUANOSINE-5'-MONOPHOSPHATE 'C10 H14 N5 O7 P'
DT DNA linking THYMIDINE-5'-MONOPHOSPHATE 'C10 H15 N2 O8 P'
PQ3 non-polymer N2,N9-bis(1-methylquinolin-3-yl)-1,10-phenanthroline-2,9-dicarboxamide 'C34 H26 N6 O2 2'
#
# COMPACT_ATOMS: atom_id res chain seq x y z
C4 PQ3 B . -0.86 4.93 -2.90
C5 PQ3 B . -0.74 3.74 -2.17
C3 PQ3 B . 0.13 5.28 -3.81
C2 PQ3 B . 1.25 4.43 -3.99
C17 PQ3 B . 1.31 3.22 -3.23
C17' PQ3 B . 2.40 2.34 -3.41
C2' PQ3 B . 3.40 2.64 -4.39
C1 PQ3 B . 2.27 4.72 -4.91
C9 PQ3 B . -4.77 2.94 3.23
C13 PQ3 B . -3.93 -2.12 3.13
C5' PQ3 B . 3.50 0.32 -2.86
C6 PQ3 B . -1.81 3.36 -1.16
C1' PQ3 B . 3.33 3.84 -5.12
C3' PQ3 B . 4.45 1.72 -4.58
C4' PQ3 B . 4.49 0.55 -3.83
C6' PQ3 B . 3.54 -0.94 -2.02
C12 PQ3 B . -4.68 -1.30 3.96
C7' PQ3 B . 2.38 -2.08 -0.12
C16' PQ3 B . 1.37 -1.87 0.81
C15' PQ3 B . 0.97 -2.90 1.68
C10' PQ3 B . 1.61 -4.18 1.61
C8' PQ3 B . 3.02 -3.33 -0.15
C14' PQ3 B . -0.05 -2.71 2.64
C11 PQ3 B . -4.70 0.07 3.75
C11' PQ3 B . 1.20 -5.22 2.49
C13' PQ3 B . -0.44 -3.74 3.48
C12' PQ3 B . 0.18 -4.99 3.41
C14 PQ3 B . -3.18 -1.59 2.08
C7 PQ3 B . -2.39 1.75 0.62
C8 PQ3 B . -3.17 2.56 1.45
C16 PQ3 B . -2.36 0.38 0.82
C15 PQ3 B . -3.15 -0.20 1.86
C10 PQ3 B . -3.94 0.65 2.70
C9' PQ3 B . 3.31 -5.65 0.53
N1 PQ3 B . 0.32 2.91 -2.33
N2 PQ3 B . -1.57 2.27 -0.41
N3' PQ3 B . 2.63 -4.33 0.67
N2' PQ3 B . 2.64 -1.03 -1.02
N1' PQ3 B . 2.47 1.19 -2.67
N3 PQ3 B . -3.93 2.02 2.43
O1' PQ3 B . 4.40 -1.80 -2.25
O1 PQ3 B . -2.84 4.04 -1.07
HH PQ3 B . -1.71 5.58 -2.77
HJ PQ3 B . 0.06 6.20 -4.38
HK PQ3 B . 2.22 5.64 -5.49
HI1 PQ3 B . -5.81 2.67 3.06
HI2 PQ3 B . -4.49 2.84 4.28
HI3 PQ3 B . -4.61 3.98 2.91
HE PQ3 B . -3.92 -3.20 3.29
HK' PQ3 B . 4.09 4.07 -5.84
HJ' PQ3 B . 5.22 1.92 -5.32
HH' PQ3 B . 5.30 -0.15 -3.98
HF PQ3 B . -5.25 -1.74 4.76
HB' PQ3 B . 0.87 -0.91 0.86
HC' PQ3 B . 3.81 -3.58 -0.84
HD' PQ3 B . -0.53 -1.75 2.72
HG PQ3 B . -5.30 0.69 4.41
HG' PQ3 B . 1.68 -6.19 2.46
HE' PQ3 B . -1.22 -3.58 4.21
HF' PQ3 B . -0.13 -5.78 4.08
HD PQ3 B . -2.61 -2.25 1.44
HC PQ3 B . -3.21 3.63 1.34
HB PQ3 B . -1.76 -0.27 0.20
HI2' PQ3 B . 3.83 -5.85 1.47
HI3' PQ3 B . 2.56 -6.40 0.32
HI1' PQ3 B . 4.03 -5.62 -0.28
HA PQ3 B . -0.73 1.74 -0.62
HA' PQ3 B . 2.04 -0.22 -0.90
C4 PQ3 B . -0.51 5.30 -2.80
C5 PQ3 B . -0.45 4.08 -2.11
C3 PQ3 B . 0.51 5.66 -3.67
C2 PQ3 B . 1.59 4.78 -3.87
C17 PQ3 B . 1.61 3.54 -3.16
C17' PQ3 B . 2.68 2.63 -3.36
C2' PQ3 B . 3.69 2.94 -4.31
C1 PQ3 B . 2.63 5.08 -4.78
C9 PQ3 B . -4.66 3.21 3.11
C13 PQ3 B . -4.23 -1.89 2.64
C5' PQ3 B . 3.70 0.55 -2.89
C6 PQ3 B . -1.56 3.70 -1.16
C1' PQ3 B . 3.66 4.18 -5.00
C3' PQ3 B . 4.71 1.99 -4.54
C4' PQ3 B . 4.70 0.79 -3.83
C6' PQ3 B . 3.70 -0.74 -2.10
C12 PQ3 B . -4.94 -1.07 3.51
C7' PQ3 B . 2.55 -1.92 -0.24
C16' PQ3 B . 1.38 -1.84 0.52
C15' PQ3 B . 0.97 -2.95 1.30
C10' PQ3 B . 1.77 -4.13 1.35
C8' PQ3 B . 3.34 -3.08 -0.13
C14' PQ3 B . -0.23 -2.90 2.06
C11 PQ3 B . -4.86 0.31 3.41
C11' PQ3 B . 1.34 -5.24 2.13
C13' PQ3 B . -0.63 -4.00 2.81
C12' PQ3 B . 0.14 -5.17 2.84
C14 PQ3 B . -3.40 -1.35 1.67
C7 PQ3 B . -2.28 2.03 0.50
C8 PQ3 B . -3.03 2.82 1.36
C16 PQ3 B . -2.39 0.64 0.60
C15 PQ3 B . -3.25 0.06 1.56
C10 PQ3 B . -4.01 0.90 2.44
C9' PQ3 B . 3.84 -5.32 0.63
N1 PQ3 B . 0.60 3.22 -2.28
N2 PQ3 B . -1.39 2.55 -0.45
N3' PQ3 B . 2.96 -4.12 0.62
N2' PQ3 B . 2.85 -0.82 -1.06
N1' PQ3 B . 2.71 1.45 -2.65
N3 PQ3 B . -3.87 2.27 2.27
O1' PQ3 B . 4.47 -1.65 -2.43
O1 PQ3 B . -2.56 4.42 -1.06
HH PQ3 B . -1.34 5.98 -2.66
HJ PQ3 B . 0.46 6.60 -4.21
HK PQ3 B . 2.61 6.02 -5.32
HI1 PQ3 B . -5.72 3.03 2.89
HI2 PQ3 B . -4.44 3.00 4.16
HI3 PQ3 B . -4.41 4.25 2.90
HE PQ3 B . -4.32 -2.96 2.73
HK' PQ3 B . 4.43 4.40 -5.71
HJ' PQ3 B . 5.49 2.19 -5.26
HH' PQ3 B . 5.49 0.07 -4.01
HF PQ3 B . -5.59 -1.51 4.27
HB' PQ3 B . 0.76 -0.96 0.48
HC' PQ3 B . 4.28 -3.19 -0.66
HD' PQ3 B . -0.82 -2.00 2.06
HG PQ3 B . -5.43 0.93 4.09
HG' PQ3 B . 1.93 -6.14 2.18
HE' PQ3 B . -1.54 -3.96 3.39
HF' PQ3 B . -0.18 -6.01 3.44
HD PQ3 B . -2.85 -2.00 1.00
HC PQ3 B . -2.98 3.90 1.34
HB PQ3 B . -1.82 -0.01 -0.06
HI2' PQ3 B . 4.09 -5.53 1.67
HI3' PQ3 B . 3.29 -6.14 0.17
HI1' PQ3 B . 4.75 -5.12 0.08
HA PQ3 B . -0.58 2.00 -0.67
HA' PQ3 B . 2.28 0.00 -0.89
C4 PQ3 B . -0.83 4.99 -2.94
C5 PQ3 B . -0.75 3.80 -2.20
C3 PQ3 B . 0.20 5.33 -3.81
C2 PQ3 B . 1.31 4.45 -3.95
C17 PQ3 B . 1.32 3.25 -3.19
C17' PQ3 B . 2.40 2.34 -3.35
C2' PQ3 B . 3.43 2.63 -4.28
C1 PQ3 B . 2.36 4.74 -4.83
C9 PQ3 B . -5.12 3.84 2.92
C13 PQ3 B . -3.65 -0.88 4.35
C5' PQ3 B . 3.43 0.27 -2.82
C6 PQ3 B . -1.87 3.45 -1.26
C1' PQ3 B . 3.41 3.85 -5.01
C3' PQ3 B . 4.48 1.69 -4.47
C4' PQ3 B . 4.45 0.51 -3.74
C6' PQ3 B . 3.43 -1.01 -2.01
C12 PQ3 B . -4.65 -0.01 4.80
C7' PQ3 B . 2.17 -2.24 -0.25
C16' PQ3 B . 0.89 -2.26 0.31
C15' PQ3 B . 0.46 -3.38 1.06
C10' PQ3 B . 1.36 -4.47 1.28
C8' PQ3 B . 3.02 -3.31 -0.03
C14' PQ3 B . -0.83 -3.45 1.62
C11 PQ3 B . -4.84 1.23 4.19
C11' PQ3 B . 0.93 -5.58 2.06
C13' PQ3 B . -1.22 -4.54 2.38
C12' PQ3 B . -0.35 -5.60 2.61
C14 PQ3 B . -2.85 -0.53 3.26
C7 PQ3 B . -2.40 2.31 0.87
C8 PQ3 B . -3.37 3.19 1.39
C16 PQ3 B . -2.21 1.07 1.49
C15 PQ3 B . -3.02 0.71 2.60
C10 PQ3 B . -4.02 1.60 3.08
C9' PQ3 B . 3.58 -5.51 0.84
N1 PQ3 B . 0.31 2.95 -2.32
N2 PQ3 B . -1.56 2.65 -0.21
N3' PQ3 B . 2.63 -4.39 0.70
N2' PQ3 B . 2.48 -1.12 -1.04
N1' PQ3 B . 2.42 1.17 -2.62
N3 PQ3 B . -4.14 2.84 2.44
O1' PQ3 B . 4.25 -1.89 -2.27
O1 PQ3 B . -3.00 3.91 -1.45
HH PQ3 B . -1.68 5.66 -2.84
HJ PQ3 B . 0.17 6.24 -4.38
HK PQ3 B . 2.35 5.66 -5.40
HI1 PQ3 B . -4.87 4.08 3.96
HI2 PQ3 B . -5.08 4.74 2.32
HI3 PQ3 B . -6.11 3.39 2.84
HE PQ3 B . -3.50 -1.82 4.85
HK' PQ3 B . 4.20 4.07 -5.71
HJ' PQ3 B . 5.26 1.88 -5.17
HH' PQ3 B . 5.25 -0.21 -3.88
HF PQ3 B . -5.25 -0.29 5.65
HB' PQ3 B . 0.20 -1.45 0.13
HC' PQ3 B . 4.03 -3.36 -0.42
HD' PQ3 B . -1.53 -2.64 1.43
HG PQ3 B . -5.60 1.88 4.57
HG' PQ3 B . 1.58 -6.42 2.24
HE' PQ3 B . -2.22 -4.57 2.80
HF' PQ3 B . -0.67 -6.44 3.20
HD PQ3 B . -2.07 -1.20 2.95
HC PQ3 B . -3.52 4.17 0.98
HB PQ3 B . -1.46 0.39 1.14
HI2' PQ3 B . 3.67 -5.77 1.89
HI3' PQ3 B . 3.19 -6.35 0.26
HI1' PQ3 B . 4.56 -5.23 0.45
HA PQ3 B . -0.64 2.26 -0.19
HA' PQ3 B . 1.87 -0.32 -0.93
C4 PQ3 B . -0.92 4.82 -2.92
C5 PQ3 B . -0.81 3.63 -2.19
C3 PQ3 B . 0.08 5.17 -3.81
C2 PQ3 B . 1.18 4.31 -4.01
C17 PQ3 B . 1.23 3.10 -3.26
C17' PQ3 B . 2.31 2.20 -3.47
C2' PQ3 B . 3.32 2.50 -4.44
C1 PQ3 B . 2.21 4.61 -4.93
C9 PQ3 B . -4.71 3.08 3.29
C13 PQ3 B . -3.85 -1.98 3.48
C5' PQ3 B . 3.39 0.16 -2.96
C6 PQ3 B . -1.88 3.25 -1.18
C1' PQ3 B . 3.24 3.72 -5.16
C3' PQ3 B . 4.34 1.56 -4.67
C4' PQ3 B . 4.37 0.39 -3.93
C6' PQ3 B . 3.44 -1.10 -2.11
C12 PQ3 B . -4.58 -1.12 4.28
C7' PQ3 B . 2.32 -2.23 -0.19
C16' PQ3 B . 1.35 -1.99 0.78
C15' PQ3 B . 1.01 -3.01 1.70
C10' PQ3 B . 1.66 -4.28 1.64
C8' PQ3 B . 2.96 -3.47 -0.22
C14' PQ3 B . 0.01 -2.80 2.70
C11 PQ3 B . -4.62 0.25 3.99
C11' PQ3 B . 1.29 -5.29 2.58
C13' PQ3 B . -0.33 -3.82 3.59
C12' PQ3 B . 0.30 -5.05 3.52
C14 PQ3 B . -3.15 -1.51 2.38
C7 PQ3 B . -2.40 1.74 0.69
C8 PQ3 B . -3.17 2.59 1.49
C16 PQ3 B . -2.37 0.38 0.98
C15 PQ3 B . -3.12 -0.13 2.06
C10 PQ3 B . -3.89 0.77 2.88
C9' PQ3 B . 3.34 -5.75 0.55
N1 PQ3 B . 0.26 2.78 -2.36
N2 PQ3 B . -1.61 2.20 -0.37
N3' PQ3 B . 2.63 -4.45 0.66
N2' PQ3 B . 2.54 -1.18 -1.10
N1' PQ3 B . 2.38 1.05 -2.73
N3 PQ3 B . -3.89 2.11 2.53
O1' PQ3 B . 4.29 -1.96 -2.35
O1 PQ3 B . -2.92 3.90 -1.14
HH PQ3 B . -1.76 5.48 -2.78
HJ PQ3 B . 0.01 6.10 -4.37
HK PQ3 B . 2.16 5.54 -5.49
HI1 PQ3 B . -5.76 2.78 3.18
HI2 PQ3 B . -4.41 3.04 4.33
HI3 PQ3 B . -4.57 4.10 2.91
HE PQ3 B . -3.84 -3.04 3.71
HK' PQ3 B . 4.01 3.94 -5.89
HJ' PQ3 B . 5.10 1.76 -5.41
HH' PQ3 B . 5.17 -0.33 -4.10
HF PQ3 B . -5.13 -1.50 5.13
HB' PQ3 B . 0.84 -1.04 0.84
HC' PQ3 B . 3.72 -3.73 -0.92
HD' PQ3 B . -0.47 -1.84 2.77
HG PQ3 B . -5.20 0.90 4.63
HG' PQ3 B . 1.78 -6.26 2.55
HE' PQ3 B . -1.08 -3.64 4.34
HF' PQ3 B . 0.04 -5.82 4.24
HD PQ3 B . -2.59 -2.21 1.76
HC PQ3 B . -3.21 3.65 1.33
HB PQ3 B . -1.79 -0.31 0.37
HI2' PQ3 B . 3.91 -5.90 1.47
HI3' PQ3 B . 2.59 -6.53 0.40
HI1' PQ3 B . 4.01 -5.74 -0.30
HA PQ3 B . -0.75 1.69 -0.56
HA' PQ3 B . 1.93 -0.38 -1.00
C4 PQ3 B . -0.76 4.92 -3.17
C5 PQ3 B . -0.64 3.72 -2.46
C3 PQ3 B . 0.25 5.29 -4.06
C2 PQ3 B . 1.35 4.43 -4.26
C17 PQ3 B . 1.41 3.22 -3.52
C17' PQ3 B . 2.51 2.33 -3.71
C2' PQ3 B . 3.51 2.66 -4.68
C1 PQ3 B . 2.39 4.75 -5.17
C9 PQ3 B . -4.64 3.10 2.95
C13 PQ3 B . -3.74 -1.97 3.11
C5' PQ3 B . 3.61 0.31 -3.20
C6 PQ3 B . -1.72 3.33 -1.47
C1' PQ3 B . 3.44 3.86 -5.39
C3' PQ3 B . 4.56 1.73 -4.88
C4' PQ3 B . 4.60 0.56 -4.14
C6' PQ3 B . 3.68 -0.96 -2.35
C12 PQ3 B . -4.50 -1.11 3.90
C7' PQ3 B . 2.56 -2.12 -0.44
C16' PQ3 B . 1.54 -1.92 0.50
C15' PQ3 B . 1.20 -2.95 1.41
C10' PQ3 B . 1.91 -4.19 1.36
C8' PQ3 B . 3.25 -3.33 -0.44
C14' PQ3 B . 0.18 -2.78 2.36
C11 PQ3 B . -4.54 0.26 3.62
C11' PQ3 B . 1.55 -5.23 2.28
C13' PQ3 B . -0.16 -3.81 3.24
C12' PQ3 B . 0.52 -5.02 3.19
C14 PQ3 B . -3.01 -1.48 2.03
C7 PQ3 B . -2.26 1.80 0.39
C8 PQ3 B . -3.05 2.63 1.18
C16 PQ3 B . -2.22 0.44 0.67
C15 PQ3 B . -3.00 -0.09 1.73
C10 PQ3 B . -3.79 0.79 2.53
C9' PQ3 B . 3.69 -5.59 0.34
N1 PQ3 B . 0.43 2.88 -2.63
N2 PQ3 B . -1.45 2.29 -0.66
N3' PQ3 B . 2.92 -4.32 0.42
N2' PQ3 B . 2.77 -1.06 -1.35
N1' PQ3 B . 2.58 1.18 -2.99
N3 PQ3 B . -3.79 2.14 2.20
O1' PQ3 B . 4.55 -1.79 -2.59
O1 PQ3 B . -2.78 3.95 -1.44
HH PQ3 B . -1.60 5.57 -3.03
HJ PQ3 B . 0.17 6.21 -4.62
HK PQ3 B . 2.32 5.67 -5.73
HI1 PQ3 B . -5.68 2.79 2.81
HI2 PQ3 B . -4.36 3.05 4.01
HI3 PQ3 B . -4.50 4.11 2.59
HE PQ3 B . -3.72 -3.02 3.33
HK' PQ3 B . 4.21 4.11 -6.11
HJ' PQ3 B . 5.33 1.95 -5.61
HH' PQ3 B . 5.42 -0.13 -4.30
HF PQ3 B . -5.05 -1.51 4.73
HB' PQ3 B . 0.99 -0.98 0.53
HC' PQ3 B . 4.05 -3.55 -1.12
HD' PQ3 B . -0.35 -1.84 2.43
HG PQ3 B . -5.14 0.90 4.25
HG' PQ3 B . 2.07 -6.17 2.28
HE' PQ3 B . -0.94 -3.66 3.97
HF' PQ3 B . 0.26 -5.81 3.89
HD PQ3 B . -2.43 -2.16 1.41
HC PQ3 B . -3.10 3.70 1.02
HB PQ3 B . -1.62 -0.24 0.07
HI2' PQ3 B . 4.22 -5.73 1.27
HI3' PQ3 B . 2.98 -6.39 0.14
HI1' PQ3 B . 4.40 -5.55 -0.49
HA PQ3 B . -0.59 1.78 -0.83
HA' PQ3 B . 2.14 -0.27 -1.25
C4 PQ3 B . -1.09 4.90 -2.61
C5 PQ3 B . -0.99 3.72 -1.86
C3 PQ3 B . -0.07 5.25 -3.48
C2 PQ3 B . 1.05 4.39 -3.63
C17 PQ3 B . 1.08 3.19 -2.88
C17' PQ3 B . 2.17 2.29 -3.05
C2' PQ3 B . 3.19 2.61 -4.00
C1 PQ3 B . 2.09 4.70 -4.51
C9 PQ3 B . -5.06 3.14 3.51
C13 PQ3 B . -4.63 -1.98 3.34
C5' PQ3 B . 3.22 0.23 -2.55
C6 PQ3 B . -2.10 3.35 -0.89
C1' PQ3 B . 3.15 3.81 -4.70
C3' PQ3 B . 4.23 1.67 -4.19
C4' PQ3 B . 4.24 0.49 -3.48
C6' PQ3 B . 3.24 -1.06 -1.75
C12 PQ3 B . -5.34 -1.11 4.18
C7' PQ3 B . 2.05 -2.26 0.08
C16' PQ3 B . 0.91 -2.16 0.87
C15' PQ3 B . 0.51 -3.24 1.70
C10' PQ3 B . 1.30 -4.43 1.73
C8' PQ3 B . 2.82 -3.43 0.15
C14' PQ3 B . -0.64 -3.16 2.51
C11 PQ3 B . -5.25 0.26 3.98
C11' PQ3 B . 0.89 -5.51 2.57
C13' PQ3 B . -1.01 -4.23 3.32
C12' PQ3 B . -0.25 -5.39 3.35
C14 PQ3 B . -3.84 -1.50 2.31
C7 PQ3 B . -2.76 1.79 0.90
C8 PQ3 B . -3.49 2.65 1.72
C16 PQ3 B . -2.86 0.41 1.08
C15 PQ3 B . -3.70 -0.11 2.09
C10 PQ3 B . -4.43 0.79 2.94
C9' PQ3 B . 3.29 -5.68 0.93
N1 PQ3 B . 0.08 2.87 -2.00
N2 PQ3 B . -1.90 2.27 -0.11
N3' PQ3 B . 2.44 -4.47 0.94
N2' PQ3 B . 2.34 -1.16 -0.75
N1' PQ3 B . 2.21 1.12 -2.34
N3 PQ3 B . -4.29 2.16 2.69
O1' PQ3 B . 4.05 -1.93 -2.04
O1 PQ3 B . -3.12 4.03 -0.85
HH PQ3 B . -1.94 5.55 -2.50
HJ PQ3 B . -0.14 6.16 -4.06
HK PQ3 B . 2.06 5.62 -5.08
HI1 PQ3 B . -6.12 2.96 3.32
HI2 PQ3 B . -4.81 2.98 4.55
HI3 PQ3 B . -4.81 4.16 3.22
HE PQ3 B . -4.72 -3.05 3.49
HK' PQ3 B . 3.93 4.05 -5.41
HJ' PQ3 B . 5.02 1.88 -4.90
HH' PQ3 B . 5.04 -0.23 -3.63
HF PQ3 B . -5.94 -1.50 4.97
HB' PQ3 B . 0.30 -1.27 0.84
HC' PQ3 B . 3.73 -3.58 -0.41
HD' PQ3 B . -1.22 -2.25 2.52
HG PQ3 B . -5.80 0.92 4.64
HG' PQ3 B . 1.48 -6.42 2.62
HE' PQ3 B . -1.89 -4.14 3.95
HF' PQ3 B . -0.55 -6.21 3.99
HD PQ3 B . -3.32 -2.19 1.66
HC PQ3 B . -3.44 3.72 1.64
HB PQ3 B . -2.31 -0.27 0.45
HI2' PQ3 B . 3.66 -5.85 1.94
HI3' PQ3 B . 2.68 -6.52 0.57
HI1' PQ3 B . 4.14 -5.55 0.26
HA PQ3 B . -1.07 1.72 -0.29
HA' PQ3 B . 1.74 -0.36 -0.61
C4 PQ3 B . -1.22 4.70 -2.61
C5 PQ3 B . -1.07 3.53 -1.86
C3 PQ3 B . -0.22 5.09 -3.49
C2 PQ3 B . 0.93 4.27 -3.65
C17 PQ3 B . 1.01 3.08 -2.88
C17' PQ3 B . 2.14 2.22 -3.05
C2' PQ3 B . 3.15 2.57 -3.99
C1 PQ3 B . 1.95 4.62 -4.55
C9 PQ3 B . -5.06 2.78 3.55
C13 PQ3 B . -4.44 -2.32 3.35
C5' PQ3 B . 3.27 0.22 -2.52
C6 PQ3 B . -2.16 3.12 -0.88
C1' PQ3 B . 3.05 3.77 -4.72
C3' PQ3 B . 4.22 1.68 -4.18
C4' PQ3 B . 4.28 0.50 -3.45
C6' PQ3 B . 3.34 -1.06 -1.69
C12 PQ3 B . -5.15 -1.48 4.21
C7' PQ3 B . 2.17 -2.29 0.13
C16' PQ3 B . 1.04 -2.19 0.94
C15' PQ3 B . 0.66 -3.28 1.76
C10' PQ3 B . 1.41 -4.49 1.73
C8' PQ3 B . 2.92 -3.48 0.15
C14' PQ3 B . -0.48 -3.21 2.59
C11 PQ3 B . -5.13 -0.10 4.03
C11' PQ3 B . 1.00 -5.59 2.55
C13' PQ3 B . -0.86 -4.30 3.38
C12' PQ3 B . -0.13 -5.48 3.35
C14 PQ3 B . -3.67 -1.81 2.31
C7 PQ3 B . -2.74 1.53 0.91
C8 PQ3 B . -3.48 2.36 1.75
C16 PQ3 B . -2.78 0.15 1.09
C15 PQ3 B . -3.58 -0.41 2.11
C10 PQ3 B . -4.34 0.46 2.98
C9' PQ3 B . 3.36 -5.77 0.84
N1 PQ3 B . 0.02 2.73 -2.00
N2 PQ3 B . -1.91 2.04 -0.11
N3' PQ3 B . 2.54 -4.53 0.91
N2' PQ3 B . 2.43 -1.19 -0.70
N1' PQ3 B . 2.22 1.07 -2.32
N3 PQ3 B . -4.26 1.83 2.74
O1' PQ3 B . 4.19 -1.90 -1.97
O1 PQ3 B . -3.20 3.77 -0.81
HH PQ3 B . -2.11 5.32 -2.51
HJ PQ3 B . -0.32 5.99 -4.08
HK PQ3 B . 1.88 5.53 -5.11
HI1 PQ3 B . -6.11 2.56 3.37
HI2 PQ3 B . -4.79 2.63 4.60
HI3 PQ3 B . -4.84 3.82 3.27
HE PQ3 B . -4.49 -3.39 3.50
HK' PQ3 B . 3.82 4.04 -5.43
HJ' PQ3 B . 5.00 1.91 -4.89
HH' PQ3 B . 5.11 -0.18 -3.60
HF PQ3 B . -5.75 -1.90 5.00
HB' PQ3 B . 0.46 -1.28 0.96
HC' PQ3 B . 3.81 -3.63 -0.44
HD' PQ3 B . -1.04 -2.29 2.64
HG PQ3 B . -5.69 0.53 4.69
HG' PQ3 B . 1.56 -6.51 2.56
HE' PQ3 B . -1.73 -4.22 4.02
HF' PQ3 B . -0.43 -6.31 3.97
HD PQ3 B . -3.14 -2.47 1.65
HC PQ3 B . -3.47 3.43 1.67
HB PQ3 B . -2.20 -0.51 0.45
HI2' PQ3 B . 3.76 -5.96 1.84
HI3' PQ3 B . 2.71 -6.58 0.50
HI1' PQ3 B . 4.18 -5.64 0.13
HA PQ3 B . -1.06 1.52 -0.30
HA' PQ3 B . 1.82 -0.40 -0.56
C4 PQ3 B . -0.73 4.64 -2.91
C5 PQ3 B . -0.59 3.47 -2.16
C3 PQ3 B . 0.25 4.98 -3.83
C2 PQ3 B . 1.36 4.12 -4.01
C17 PQ3 B . 1.44 2.93 -3.23
C17' PQ3 B . 2.52 2.03 -3.42
C2' PQ3 B . 3.50 2.32 -4.42
C1 PQ3 B . 2.38 4.41 -4.95
C9 PQ3 B . -4.53 2.89 3.31
C13 PQ3 B . -3.71 -2.19 3.42
C5' PQ3 B . 3.61 0.01 -2.88
C6 PQ3 B . -1.66 3.11 -1.13
C1' PQ3 B . 3.43 3.52 -5.16
C3' PQ3 B . 4.54 1.38 -4.64
C4' PQ3 B . 4.58 0.22 -3.88
C6' PQ3 B . 3.68 -1.22 -2.01
C12 PQ3 B . -4.45 -1.33 4.22
C7' PQ3 B . 2.56 -2.32 -0.05
C16' PQ3 B . 1.56 -2.10 0.88
C15' PQ3 B . 1.22 -3.11 1.81
C10' PQ3 B . 1.91 -4.35 1.80
C8' PQ3 B . 3.26 -3.55 -0.03
C14' PQ3 B . 0.18 -2.91 2.76
C11 PQ3 B . -4.47 0.04 3.96
C11' PQ3 B . 1.55 -5.37 2.73
C13' PQ3 B . -0.16 -3.92 3.65
C12' PQ3 B . 0.51 -5.13 3.64
C14 PQ3 B . -2.98 -1.70 2.34
C7 PQ3 B . -2.20 1.58 0.73
C8 PQ3 B . -2.96 2.41 1.53
C16 PQ3 B . -2.18 0.20 0.99
C15 PQ3 B . -2.96 -0.31 2.06
C10 PQ3 B . -3.73 0.58 2.88
C9' PQ3 B . 3.69 -5.78 0.80
N1 PQ3 B . 0.47 2.63 -2.31
N2 PQ3 B . -1.39 2.06 -0.32
N3' PQ3 B . 2.93 -4.51 0.86
N2' PQ3 B . 2.79 -1.29 -1.00
N1' PQ3 B . 2.60 0.90 -2.66
N3 PQ3 B . -3.71 1.93 2.55
O1' PQ3 B . 4.52 -2.10 -2.25
O1 PQ3 B . -2.70 3.76 -1.07
HH PQ3 B . -1.58 5.29 -2.78
HJ PQ3 B . 0.17 5.88 -4.41
HK PQ3 B . 2.32 5.31 -5.53
HI1 PQ3 B . -5.58 2.61 3.18
HI2 PQ3 B . -4.25 2.81 4.37
HI3 PQ3 B . -4.38 3.91 2.97
HE PQ3 B . -3.72 -3.25 3.63
HK' PQ3 B . 4.17 3.74 -5.91
HJ' PQ3 B . 5.29 1.57 -5.39
HH' PQ3 B . 5.37 -0.49 -4.04
HF PQ3 B . -5.01 -1.72 5.05
HB' PQ3 B . 1.02 -1.16 0.89
HC' PQ3 B . 4.06 -3.79 -0.70
HD' PQ3 B . -0.32 -1.95 2.80
HG PQ3 B . -5.06 0.68 4.60
HG' PQ3 B . 2.06 -6.31 2.75
HE' PQ3 B . -0.95 -3.75 4.37
HF' PQ3 B . 0.23 -5.90 4.35
HD PQ3 B . -2.42 -2.39 1.72
HC PQ3 B . -2.99 3.49 1.39
HB PQ3 B . -1.59 -0.46 0.38
HI2' PQ3 B . 4.20 -5.90 1.76
HI3' PQ3 B . 2.97 -6.59 0.63
HI1' PQ3 B . 4.41 -5.76 -0.01
HA PQ3 B . -0.55 1.53 -0.52
HA' PQ3 B . 2.18 -0.49 -0.90
C4 PQ3 B . -1.07 4.77 -2.75
C5 PQ3 B . -0.94 3.60 -1.99
C3 PQ3 B . -0.06 5.14 -3.63
C2 PQ3 B . 1.08 4.31 -3.78
C17 PQ3 B . 1.15 3.12 -3.00
C17' PQ3 B . 2.26 2.24 -3.17
C2' PQ3 B . 3.27 2.57 -4.12
C1 PQ3 B . 2.10 4.62 -4.68
C9 PQ3 B . -4.98 2.90 3.39
C13 PQ3 B . -4.42 -2.21 3.21
C5' PQ3 B . 3.37 0.24 -2.62
C6 PQ3 B . -2.03 3.21 -1.02
C1' PQ3 B . 3.19 3.77 -4.86
C3' PQ3 B . 4.33 1.65 -4.31
C4' PQ3 B . 4.37 0.48 -3.56
C6' PQ3 B . 3.42 -1.04 -1.79
C12 PQ3 B . -5.11 -1.36 4.05
C7' PQ3 B . 2.27 -2.22 0.07
C16' PQ3 B . 1.12 -2.14 0.85
C15' PQ3 B . 0.73 -3.21 1.68
C10' PQ3 B . 1.53 -4.40 1.71
C8' PQ3 B . 3.05 -3.39 0.15
C14' PQ3 B . -0.44 -3.16 2.47
C11 PQ3 B . -5.07 0.02 3.86
C11' PQ3 B . 1.11 -5.49 2.53
C13' PQ3 B . -0.81 -4.23 3.26
C12' PQ3 B . -0.04 -5.39 3.30
C14 PQ3 B . -3.63 -1.70 2.17
C7 PQ3 B . -2.65 1.62 0.77
C8 PQ3 B . -3.40 2.45 1.60
C16 PQ3 B . -2.71 0.24 0.95
C15 PQ3 B . -3.53 -0.30 1.97
C10 PQ3 B . -4.27 0.58 2.82
C9' PQ3 B . 3.55 -5.63 0.94
N1 PQ3 B . 0.16 2.78 -2.12
N2 PQ3 B . -1.81 2.12 -0.24
N3' PQ3 B . 2.68 -4.43 0.94
N2' PQ3 B . 2.54 -1.13 -0.78
N1' PQ3 B . 2.34 1.09 -2.43
N3 PQ3 B . -4.18 1.94 2.58
O1' PQ3 B . 4.25 -1.91 -2.08
O1 PQ3 B . -3.07 3.88 -0.96
HH PQ3 B . -1.94 5.40 -2.65
HJ PQ3 B . -0.15 6.03 -4.22
HK PQ3 B . 2.05 5.53 -5.26
HI1 PQ3 B . -6.03 2.68 3.21
HI2 PQ3 B . -4.71 2.75 4.44
HI3 PQ3 B . -4.75 3.93 3.10
HE PQ3 B . -4.47 -3.28 3.36
HK' PQ3 B . 3.96 4.01 -5.57
HJ' PQ3 B . 5.10 1.87 -5.03
HH' PQ3 B . 5.18 -0.21 -3.71
HF PQ3 B . -5.71 -1.77 4.85
HB' PQ3 B . 0.50 -1.25 0.82
HC' PQ3 B . 3.97 -3.52 -0.40
HD' PQ3 B . -1.02 -2.25 2.48
HG PQ3 B . -5.64 0.66 4.53
HG' PQ3 B . 1.70 -6.40 2.58
HE' PQ3 B . -1.70 -4.17 3.88
HF' PQ3 B . -0.34 -6.22 3.93
HD PQ3 B . -3.09 -2.38 1.52
HC PQ3 B . -3.37 3.53 1.51
HB PQ3 B . -2.14 -0.43 0.31
HI2' PQ3 B . 3.87 -5.80 1.97
HI3' PQ3 B . 2.96 -6.47 0.55
HI1' PQ3 B . 4.43 -5.47 0.31
HA PQ3 B . -0.96 1.59 -0.43
HA' PQ3 B . 1.93 -0.33 -0.65
C4 PQ3 B . -0.81 4.64 -2.79
C5 PQ3 B . -0.69 3.45 -2.06
C3 PQ3 B . 0.21 5.02 -3.67
C2 PQ3 B . 1.33 4.18 -3.83
C17 PQ3 B . 1.39 2.97 -3.08
C17' PQ3 B . 2.49 2.08 -3.27
C2' PQ3 B . 3.50 2.42 -4.22
C1 PQ3 B . 2.37 4.51 -4.73
C9 PQ3 B . -4.77 2.70 3.28
C13 PQ3 B . -4.04 -2.38 3.18
C5' PQ3 B . 3.58 0.06 -2.76
C6 PQ3 B . -1.78 3.05 -1.09
C1' PQ3 B . 3.43 3.63 -4.93
C3' PQ3 B . 4.55 1.49 -4.43
C4' PQ3 B . 4.58 0.31 -3.71
C6' PQ3 B . 3.64 -1.21 -1.93
C12 PQ3 B . -4.79 -1.55 4.00
C7' PQ3 B . 2.48 -2.40 -0.06
C16' PQ3 B . 1.39 -2.26 0.80
C15' PQ3 B . 1.01 -3.32 1.66
C10' PQ3 B . 1.75 -4.54 1.64
C8' PQ3 B . 3.21 -3.60 -0.04
C14' PQ3 B . -0.08 -3.20 2.54
C11 PQ3 B . -4.77 -0.17 3.80
C11' PQ3 B . 1.36 -5.61 2.50
C13' PQ3 B . -0.46 -4.25 3.36
C12' PQ3 B . 0.26 -5.45 3.34
C14 PQ3 B . -3.26 -1.87 2.14
C7 PQ3 B . -2.38 1.46 0.70
C8 PQ3 B . -3.15 2.29 1.51
C16 PQ3 B . -2.39 0.09 0.89
C15 PQ3 B . -3.20 -0.47 1.92
C10 PQ3 B . -3.99 0.39 2.75
C9' PQ3 B . 3.64 -5.87 0.71
N1 PQ3 B . 0.39 2.63 -2.20
N2 PQ3 B . -1.54 1.97 -0.32
N3' PQ3 B . 2.84 -4.62 0.78
N2' PQ3 B . 2.73 -1.33 -0.93
N1' PQ3 B . 2.55 0.93 -2.55
N3 PQ3 B . -3.93 1.76 2.50
O1' PQ3 B . 4.48 -2.06 -2.20
O1 PQ3 B . -2.82 3.72 -1.03
HH PQ3 B . -1.67 5.29 -2.67
HJ PQ3 B . 0.12 5.94 -4.23
HK PQ3 B . 2.31 5.43 -5.29
HI1 PQ3 B . -5.81 2.45 3.10
HI2 PQ3 B . -4.51 2.58 4.34
HI3 PQ3 B . -4.58 3.73 2.98
HE PQ3 B . -4.07 -3.46 3.34
HK' PQ3 B . 4.21 3.88 -5.63
HJ' PQ3 B . 5.32 1.71 -5.15
HH' PQ3 B . 5.39 -0.38 -3.87
HF PQ3 B . -5.37 -1.98 4.80
HB' PQ3 B . 0.82 -1.33 0.81
HC' PQ3 B . 4.06 -3.78 -0.66
HD' PQ3 B . -0.64 -2.26 2.58
HG PQ3 B . -5.37 0.46 4.45
HG' PQ3 B . 1.90 -6.54 2.52
HE' PQ3 B . -1.30 -4.15 4.03
HF' PQ3 B . -0.03 -6.25 3.99
HD PQ3 B . -2.70 -2.53 1.50
HC PQ3 B . -3.17 3.36 1.42
HB PQ3 B . -1.80 -0.57 0.27
HI2' PQ3 B . 4.08 -6.03 1.70
HI3' PQ3 B . 2.98 -6.68 0.43
HI1' PQ3 B . 4.43 -5.78 -0.03
HA PQ3 B . -0.69 1.45 -0.50
HA' PQ3 B . 2.11 -0.52 -0.82
#